data_2PL0
#
_entry.id   2PL0
#
_cell.length_a   75.210
_cell.length_b   103.170
_cell.length_c   52.330
_cell.angle_alpha   90.00
_cell.angle_beta   90.00
_cell.angle_gamma   90.00
#
_symmetry.space_group_name_H-M   'P 21 21 2'
#
loop_
_entity.id
_entity.type
_entity.pdbx_description
1 polymer 'Proto-oncogene tyrosine-protein kinase LCK'
2 non-polymer 4-(4-METHYL-PIPERAZIN-1-YLMETHYL)-N-[4-METHYL-3-(4-PYRIDIN-3-YL-PYRIMIDIN-2-YLAMINO)-PHENYL]-BENZAMIDE
3 water water
#
_entity_poly.entity_id   1
_entity_poly.type   'polypeptide(L)'
_entity_poly.pdbx_seq_one_letter_code
;GSHMQTQKPQKPWWEDEWEVPRETLKLVERLGAGQFGEVWMGYYNGHTKVAVKSLKQGSMSPDAFLAEANLMKQLQHQRL
VRLYAVVTQEPIYIITEYMENGSLVDFLKTPSGIKLTINKLLDMAAQIAEGMAFIEERNYIHRDLRAANILVSDTLSCKI
ADFGLARLIEDNEYTAREGAKFPIKWTAPEAINYGTFTIKSDVWSFGILLTEIVTHGRIPYPGMTNPEVIQNLERGYRMV
RPDNCPEELYQLMRLCWKERPEDRPTFDYLRSVLEDFFTATEGQYQPQP
;
_entity_poly.pdbx_strand_id   A
#
# COMPACT_ATOMS: atom_id res chain seq x y z
N LYS A 11 12.69 22.54 -20.14
CA LYS A 11 13.97 21.79 -19.90
C LYS A 11 13.98 20.47 -20.66
N PRO A 12 15.07 20.20 -21.40
CA PRO A 12 15.23 18.97 -22.19
C PRO A 12 15.11 17.72 -21.32
N TRP A 13 14.45 16.69 -21.84
CA TRP A 13 14.14 15.52 -21.04
C TRP A 13 15.41 14.76 -20.62
N TRP A 14 16.46 14.89 -21.42
CA TRP A 14 17.71 14.18 -21.15
C TRP A 14 18.51 14.86 -20.05
N GLU A 15 18.11 16.08 -19.70
CA GLU A 15 18.67 16.79 -18.56
C GLU A 15 18.11 16.20 -17.27
N ASP A 16 16.94 15.56 -17.41
CA ASP A 16 16.23 14.99 -16.26
C ASP A 16 16.42 13.48 -16.20
N GLU A 17 16.32 12.92 -15.00
CA GLU A 17 16.55 11.49 -14.79
C GLU A 17 15.26 10.69 -14.93
N TRP A 18 14.14 11.39 -15.07
CA TRP A 18 12.83 10.74 -15.05
C TRP A 18 12.07 10.97 -16.35
N GLU A 19 12.16 12.18 -16.87
CA GLU A 19 11.37 12.59 -18.02
C GLU A 19 11.77 11.80 -19.27
N VAL A 20 10.77 11.18 -19.90
CA VAL A 20 10.99 10.44 -21.13
C VAL A 20 9.97 10.86 -22.19
N PRO A 21 10.38 10.85 -23.47
CA PRO A 21 9.46 11.10 -24.57
C PRO A 21 8.35 10.04 -24.61
N ARG A 22 7.10 10.50 -24.74
CA ARG A 22 5.95 9.59 -24.73
C ARG A 22 6.18 8.41 -25.64
N GLU A 23 7.01 8.64 -26.67
CA GLU A 23 7.29 7.64 -27.70
C GLU A 23 7.87 6.36 -27.13
N THR A 24 8.60 6.49 -26.03
CA THR A 24 9.24 5.34 -25.40
C THR A 24 8.23 4.37 -24.81
N LEU A 25 6.94 4.68 -24.91
CA LEU A 25 5.91 3.90 -24.24
C LEU A 25 4.92 3.23 -25.18
N LYS A 26 4.80 1.92 -25.05
CA LYS A 26 3.77 1.15 -25.76
C LYS A 26 2.86 0.49 -24.73
N LEU A 27 1.82 1.20 -24.31
CA LEU A 27 0.91 0.70 -23.29
C LEU A 27 -0.13 -0.23 -23.91
N VAL A 28 -0.35 -1.39 -23.29
CA VAL A 28 -1.06 -2.48 -23.95
C VAL A 28 -2.36 -2.91 -23.27
N GLU A 29 -2.37 -2.99 -21.94
CA GLU A 29 -3.54 -3.48 -21.22
C GLU A 29 -4.02 -2.49 -20.17
N ARG A 30 -5.34 -2.44 -19.98
CA ARG A 30 -5.93 -1.45 -19.07
C ARG A 30 -6.24 -2.09 -17.72
N LEU A 31 -5.26 -2.04 -16.82
CA LEU A 31 -5.36 -2.70 -15.52
C LEU A 31 -6.52 -2.19 -14.68
N GLY A 32 -6.83 -0.90 -14.80
CA GLY A 32 -7.90 -0.33 -14.00
C GLY A 32 -8.09 1.16 -14.20
N ALA A 33 -9.27 1.52 -14.71
CA ALA A 33 -9.62 2.93 -14.92
C ALA A 33 -10.60 3.42 -13.86
N GLY A 34 -10.50 4.71 -13.55
CA GLY A 34 -11.39 5.31 -12.57
C GLY A 34 -11.74 6.73 -12.95
N GLN A 35 -12.17 7.52 -11.96
CA GLN A 35 -12.62 8.88 -12.21
C GLN A 35 -11.49 9.91 -12.08
N PHE A 36 -10.27 9.49 -12.34
CA PHE A 36 -9.13 10.40 -12.33
C PHE A 36 -8.06 9.95 -13.32
N GLY A 37 -8.43 9.01 -14.18
CA GLY A 37 -7.49 8.48 -15.14
C GLY A 37 -7.40 6.97 -15.04
N GLU A 38 -6.57 6.37 -15.89
CA GLU A 38 -6.47 4.92 -15.95
C GLU A 38 -5.11 4.43 -15.48
N VAL A 39 -4.96 3.11 -15.40
CA VAL A 39 -3.66 2.49 -15.16
C VAL A 39 -3.43 1.35 -16.15
N TRP A 40 -2.44 1.52 -17.00
CA TRP A 40 -2.14 0.54 -18.04
C TRP A 40 -0.88 -0.22 -17.71
N MET A 41 -0.77 -1.41 -18.27
CA MET A 41 0.50 -2.11 -18.35
C MET A 41 1.01 -1.98 -19.78
N GLY A 42 2.31 -1.76 -19.93
CA GLY A 42 2.87 -1.54 -21.25
C GLY A 42 4.37 -1.76 -21.24
N TYR A 43 5.04 -1.31 -22.30
CA TYR A 43 6.47 -1.50 -22.41
C TYR A 43 7.22 -0.23 -22.75
N TYR A 44 8.30 0.01 -22.00
CA TYR A 44 9.16 1.17 -22.22
C TYR A 44 10.32 0.78 -23.12
N ASN A 45 10.46 1.48 -24.24
CA ASN A 45 11.41 1.13 -25.29
C ASN A 45 11.42 -0.38 -25.53
N GLY A 46 10.23 -0.98 -25.43
CA GLY A 46 10.05 -2.36 -25.84
C GLY A 46 10.69 -3.42 -24.96
N HIS A 47 11.72 -3.05 -24.21
CA HIS A 47 12.50 -4.04 -23.48
C HIS A 47 12.06 -4.24 -22.04
N THR A 48 11.43 -3.22 -21.46
CA THR A 48 10.95 -3.30 -20.08
C THR A 48 9.44 -3.17 -20.02
N LYS A 49 8.78 -4.02 -19.25
CA LYS A 49 7.35 -3.82 -19.02
C LYS A 49 7.15 -2.98 -17.77
N VAL A 50 6.15 -2.11 -17.84
CA VAL A 50 5.97 -1.08 -16.83
C VAL A 50 4.50 -0.92 -16.49
N ALA A 51 4.24 -0.32 -15.33
CA ALA A 51 2.89 0.13 -14.97
C ALA A 51 2.78 1.62 -15.21
N VAL A 52 1.70 2.04 -15.87
CA VAL A 52 1.56 3.42 -16.28
C VAL A 52 0.28 4.03 -15.75
N LYS A 53 0.42 5.03 -14.88
CA LYS A 53 -0.72 5.77 -14.37
C LYS A 53 -0.89 7.02 -15.23
N SER A 54 -2.07 7.19 -15.78
CA SER A 54 -2.35 8.35 -16.62
C SER A 54 -3.43 9.21 -15.99
N LEU A 55 -3.30 10.52 -16.18
CA LEU A 55 -4.28 11.48 -15.69
C LEU A 55 -5.31 11.79 -16.77
N LYS A 56 -6.59 11.75 -16.44
CA LYS A 56 -7.61 12.21 -17.37
C LYS A 56 -7.88 13.69 -17.17
N GLN A 57 -8.00 14.41 -18.27
CA GLN A 57 -8.07 15.87 -18.23
C GLN A 57 -9.31 16.35 -17.49
N GLY A 58 -9.13 17.43 -16.71
CA GLY A 58 -10.26 18.04 -16.04
C GLY A 58 -10.49 17.54 -14.62
N SER A 59 -10.38 16.23 -14.43
CA SER A 59 -10.68 15.62 -13.14
C SER A 59 -9.89 16.25 -12.00
N MET A 60 -8.70 16.77 -12.32
CA MET A 60 -7.86 17.40 -11.32
C MET A 60 -6.71 18.17 -11.93
N SER A 61 -6.08 18.99 -11.11
CA SER A 61 -4.95 19.80 -11.52
C SER A 61 -3.82 18.93 -12.06
N PRO A 62 -3.22 19.34 -13.19
CA PRO A 62 -2.02 18.67 -13.73
C PRO A 62 -0.91 18.67 -12.69
N ASP A 63 -0.86 19.71 -11.88
CA ASP A 63 0.17 19.84 -10.86
C ASP A 63 -0.15 18.97 -9.65
N ALA A 64 -1.44 18.70 -9.46
CA ALA A 64 -1.90 17.88 -8.35
C ALA A 64 -1.59 16.40 -8.63
N PHE A 65 -1.69 16.04 -9.90
CA PHE A 65 -1.34 14.69 -10.33
C PHE A 65 0.16 14.50 -10.16
N LEU A 66 0.92 15.48 -10.65
CA LEU A 66 2.38 15.42 -10.62
C LEU A 66 2.90 15.49 -9.20
N ALA A 67 2.12 16.08 -8.30
CA ALA A 67 2.51 16.15 -6.90
C ALA A 67 2.93 14.77 -6.41
N GLU A 68 2.19 13.75 -6.85
CA GLU A 68 2.52 12.39 -6.49
C GLU A 68 3.88 12.00 -7.05
N ALA A 69 4.02 12.12 -8.37
CA ALA A 69 5.26 11.79 -9.05
C ALA A 69 6.42 12.44 -8.32
N ASN A 70 6.16 13.63 -7.81
CA ASN A 70 7.20 14.44 -7.22
C ASN A 70 7.64 13.87 -5.88
N LEU A 71 6.69 13.41 -5.07
CA LEU A 71 7.03 12.72 -3.82
C LEU A 71 7.88 11.49 -4.10
N MET A 72 7.48 10.74 -5.12
CA MET A 72 8.17 9.51 -5.49
C MET A 72 9.64 9.75 -5.81
N LYS A 73 9.95 10.89 -6.41
CA LYS A 73 11.35 11.23 -6.68
C LYS A 73 12.06 11.38 -5.35
N GLN A 74 11.38 12.06 -4.43
CA GLN A 74 11.98 12.47 -3.16
C GLN A 74 12.06 11.34 -2.16
N LEU A 75 11.16 10.36 -2.30
CA LEU A 75 11.04 9.29 -1.33
C LEU A 75 11.54 7.97 -1.91
N GLN A 76 12.61 8.03 -2.70
CA GLN A 76 13.16 6.81 -3.27
C GLN A 76 13.80 5.98 -2.18
N HIS A 77 13.68 4.66 -2.31
CA HIS A 77 14.10 3.76 -1.25
C HIS A 77 13.84 2.32 -1.69
N GLN A 78 14.71 1.42 -1.28
CA GLN A 78 14.63 0.04 -1.73
C GLN A 78 13.31 -0.62 -1.37
N ARG A 79 12.69 -0.16 -0.28
CA ARG A 79 11.44 -0.73 0.20
C ARG A 79 10.21 0.02 -0.31
N LEU A 80 10.44 1.05 -1.12
CA LEU A 80 9.35 1.77 -1.77
C LEU A 80 9.32 1.40 -3.23
N VAL A 81 8.15 1.44 -3.85
CA VAL A 81 8.07 1.27 -5.29
C VAL A 81 8.83 2.44 -5.91
N ARG A 82 9.75 2.13 -6.83
CA ARG A 82 10.57 3.18 -7.41
C ARG A 82 9.92 3.74 -8.67
N LEU A 83 9.89 5.07 -8.72
CA LEU A 83 9.47 5.77 -9.93
C LEU A 83 10.42 5.40 -11.05
N TYR A 84 9.86 5.09 -12.21
CA TYR A 84 10.66 4.64 -13.34
C TYR A 84 10.83 5.78 -14.35
N ALA A 85 9.72 6.45 -14.67
CA ALA A 85 9.74 7.54 -15.64
C ALA A 85 8.47 8.38 -15.49
N VAL A 86 8.51 9.58 -16.07
CA VAL A 86 7.32 10.41 -16.11
C VAL A 86 7.21 11.16 -17.41
N VAL A 87 5.99 11.30 -17.90
CA VAL A 87 5.69 12.15 -19.04
C VAL A 87 4.84 13.34 -18.57
N THR A 88 5.38 14.55 -18.72
CA THR A 88 4.72 15.73 -18.15
C THR A 88 3.57 16.28 -18.99
N GLN A 89 3.78 16.43 -20.30
CA GLN A 89 2.73 16.96 -21.17
C GLN A 89 1.47 16.11 -21.05
N GLU A 90 0.32 16.68 -21.40
CA GLU A 90 -0.92 15.92 -21.44
C GLU A 90 -0.95 15.00 -22.66
N PRO A 91 -1.49 13.78 -22.52
CA PRO A 91 -1.89 13.20 -21.23
C PRO A 91 -0.69 12.81 -20.37
N ILE A 92 -0.74 13.17 -19.09
CA ILE A 92 0.38 12.96 -18.19
C ILE A 92 0.47 11.50 -17.73
N TYR A 93 1.68 10.95 -17.72
CA TYR A 93 1.91 9.61 -17.22
C TYR A 93 2.91 9.62 -16.07
N ILE A 94 2.60 8.85 -15.04
CA ILE A 94 3.60 8.41 -14.08
C ILE A 94 3.89 6.94 -14.36
N ILE A 95 5.16 6.62 -14.59
CA ILE A 95 5.54 5.25 -14.90
C ILE A 95 6.41 4.63 -13.81
N THR A 96 6.01 3.45 -13.35
CA THR A 96 6.90 2.60 -12.56
C THR A 96 7.12 1.30 -13.32
N GLU A 97 8.04 0.47 -12.82
CA GLU A 97 8.25 -0.85 -13.41
C GLU A 97 7.19 -1.84 -12.95
N TYR A 98 6.95 -2.83 -13.81
CA TYR A 98 5.92 -3.83 -13.55
C TYR A 98 6.50 -5.02 -12.79
N MET A 99 5.75 -5.48 -11.79
CA MET A 99 6.15 -6.60 -10.97
C MET A 99 5.31 -7.82 -11.28
N GLU A 100 5.94 -8.82 -11.90
CA GLU A 100 5.24 -10.02 -12.33
C GLU A 100 4.61 -10.78 -11.17
N ASN A 101 5.06 -10.52 -9.95
CA ASN A 101 4.50 -11.21 -8.78
C ASN A 101 3.27 -10.49 -8.25
N GLY A 102 3.11 -9.22 -8.64
CA GLY A 102 1.90 -8.50 -8.31
C GLY A 102 1.87 -7.96 -6.89
N SER A 103 0.67 -7.82 -6.33
CA SER A 103 0.53 -7.33 -4.97
C SER A 103 0.68 -8.47 -3.97
N LEU A 104 1.07 -8.09 -2.76
CA LEU A 104 1.31 -9.06 -1.70
C LEU A 104 0.08 -9.92 -1.45
N VAL A 105 -1.09 -9.29 -1.37
CA VAL A 105 -2.34 -10.00 -1.10
C VAL A 105 -2.66 -11.00 -2.19
N ASP A 106 -2.32 -10.65 -3.43
CA ASP A 106 -2.52 -11.57 -4.54
C ASP A 106 -1.52 -12.70 -4.44
N PHE A 107 -0.25 -12.33 -4.33
CA PHE A 107 0.84 -13.29 -4.36
C PHE A 107 0.70 -14.34 -3.28
N LEU A 108 0.24 -13.91 -2.10
CA LEU A 108 0.10 -14.80 -0.96
C LEU A 108 -0.83 -15.98 -1.29
N LYS A 109 -1.86 -15.71 -2.08
CA LYS A 109 -2.86 -16.72 -2.43
C LYS A 109 -2.40 -17.65 -3.54
N THR A 110 -1.32 -17.30 -4.25
CA THR A 110 -0.78 -18.17 -5.28
C THR A 110 -0.15 -19.39 -4.64
N PRO A 111 -0.03 -20.49 -5.41
CA PRO A 111 0.53 -21.75 -4.90
C PRO A 111 1.96 -21.58 -4.41
N SER A 112 2.73 -20.75 -5.10
CA SER A 112 4.10 -20.48 -4.68
C SER A 112 4.09 -19.54 -3.47
N GLY A 113 3.09 -18.67 -3.42
CA GLY A 113 2.93 -17.79 -2.28
C GLY A 113 2.58 -18.57 -1.02
N ILE A 114 1.75 -19.60 -1.19
CA ILE A 114 1.31 -20.42 -0.08
C ILE A 114 2.43 -21.29 0.47
N LYS A 115 3.47 -21.47 -0.33
CA LYS A 115 4.62 -22.28 0.07
C LYS A 115 5.57 -21.53 0.99
N LEU A 116 5.44 -20.21 1.04
CA LEU A 116 6.30 -19.38 1.88
C LEU A 116 6.35 -19.87 3.32
N THR A 117 7.55 -19.82 3.91
CA THR A 117 7.73 -20.21 5.30
C THR A 117 7.51 -19.02 6.21
N ILE A 118 7.08 -19.30 7.44
CA ILE A 118 6.87 -18.26 8.43
C ILE A 118 8.09 -17.33 8.50
N ASN A 119 9.27 -17.90 8.27
CA ASN A 119 10.50 -17.11 8.31
C ASN A 119 10.51 -16.11 7.16
N LYS A 120 10.11 -16.56 5.97
CA LYS A 120 10.10 -15.67 4.82
C LYS A 120 8.98 -14.64 4.93
N LEU A 121 7.87 -15.05 5.54
CA LEU A 121 6.75 -14.15 5.78
C LEU A 121 7.17 -13.01 6.70
N LEU A 122 7.91 -13.38 7.75
CA LEU A 122 8.32 -12.41 8.75
C LEU A 122 9.36 -11.45 8.18
N ASP A 123 10.15 -11.92 7.22
CA ASP A 123 11.17 -11.07 6.64
C ASP A 123 10.51 -10.00 5.78
N MET A 124 9.48 -10.40 5.04
CA MET A 124 8.74 -9.46 4.21
C MET A 124 8.06 -8.42 5.07
N ALA A 125 7.50 -8.86 6.19
CA ALA A 125 6.90 -7.95 7.15
C ALA A 125 7.95 -6.94 7.62
N ALA A 126 9.15 -7.44 7.85
CA ALA A 126 10.25 -6.61 8.32
C ALA A 126 10.59 -5.54 7.29
N GLN A 127 10.53 -5.92 6.02
CA GLN A 127 10.84 -4.99 4.94
C GLN A 127 9.77 -3.91 4.88
N ILE A 128 8.52 -4.34 5.02
CA ILE A 128 7.40 -3.41 4.98
C ILE A 128 7.52 -2.42 6.12
N ALA A 129 7.87 -2.93 7.30
CA ALA A 129 8.10 -2.09 8.46
C ALA A 129 9.28 -1.15 8.18
N GLU A 130 10.27 -1.66 7.48
CA GLU A 130 11.48 -0.89 7.22
C GLU A 130 11.14 0.34 6.38
N GLY A 131 10.38 0.13 5.30
CA GLY A 131 10.01 1.23 4.43
C GLY A 131 9.06 2.20 5.11
N MET A 132 8.16 1.66 5.92
CA MET A 132 7.28 2.51 6.71
C MET A 132 8.09 3.36 7.69
N ALA A 133 9.19 2.81 8.17
CA ALA A 133 10.04 3.52 9.11
C ALA A 133 10.69 4.70 8.39
N PHE A 134 10.98 4.49 7.11
CA PHE A 134 11.57 5.53 6.27
C PHE A 134 10.55 6.63 6.02
N ILE A 135 9.33 6.21 5.71
CA ILE A 135 8.22 7.15 5.50
C ILE A 135 7.97 7.97 6.77
N GLU A 136 8.09 7.33 7.92
CA GLU A 136 7.98 8.00 9.21
C GLU A 136 9.13 9.01 9.34
N GLU A 137 10.33 8.54 9.04
CA GLU A 137 11.54 9.36 9.16
C GLU A 137 11.48 10.58 8.25
N ARG A 138 10.89 10.40 7.07
CA ARG A 138 10.73 11.51 6.14
C ARG A 138 9.51 12.36 6.45
N ASN A 139 8.79 11.97 7.50
CA ASN A 139 7.70 12.76 8.04
C ASN A 139 6.47 12.79 7.13
N TYR A 140 6.14 11.62 6.59
CA TYR A 140 4.92 11.42 5.84
C TYR A 140 4.13 10.31 6.54
N ILE A 141 2.91 10.06 6.06
CA ILE A 141 2.17 8.88 6.46
C ILE A 141 1.69 8.17 5.21
N HIS A 142 1.05 7.02 5.38
CA HIS A 142 0.56 6.25 4.24
C HIS A 142 -0.95 6.40 4.05
N ARG A 143 -1.70 6.09 5.11
CA ARG A 143 -3.16 6.21 5.13
C ARG A 143 -3.89 4.97 4.64
N ASP A 144 -3.25 4.15 3.81
CA ASP A 144 -3.89 2.93 3.32
C ASP A 144 -2.93 1.75 3.31
N LEU A 145 -2.22 1.57 4.43
CA LEU A 145 -1.21 0.54 4.52
C LEU A 145 -1.87 -0.84 4.70
N ARG A 146 -1.83 -1.65 3.65
CA ARG A 146 -2.40 -3.00 3.67
C ARG A 146 -1.84 -3.81 2.52
N ALA A 147 -2.00 -5.13 2.57
CA ALA A 147 -1.36 -6.02 1.61
C ALA A 147 -1.64 -5.66 0.16
N ALA A 148 -2.70 -4.89 -0.07
CA ALA A 148 -3.12 -4.58 -1.43
C ALA A 148 -2.26 -3.48 -2.04
N ASN A 149 -1.60 -2.72 -1.19
CA ASN A 149 -0.73 -1.64 -1.65
C ASN A 149 0.74 -2.02 -1.52
N ILE A 150 1.00 -3.32 -1.33
CA ILE A 150 2.36 -3.82 -1.31
C ILE A 150 2.66 -4.61 -2.58
N LEU A 151 3.74 -4.24 -3.27
CA LEU A 151 4.18 -5.01 -4.44
C LEU A 151 5.30 -5.99 -4.09
N VAL A 152 5.24 -7.16 -4.72
CA VAL A 152 6.26 -8.20 -4.53
C VAL A 152 7.23 -8.20 -5.71
N SER A 153 8.52 -8.08 -5.41
CA SER A 153 9.54 -8.00 -6.44
C SER A 153 9.95 -9.38 -6.92
N ASP A 154 10.80 -9.40 -7.94
CA ASP A 154 11.22 -10.64 -8.57
C ASP A 154 12.02 -11.50 -7.61
N THR A 155 12.66 -10.87 -6.62
CA THR A 155 13.41 -11.61 -5.61
C THR A 155 12.57 -11.88 -4.36
N LEU A 156 11.28 -11.61 -4.47
CA LEU A 156 10.34 -11.86 -3.38
C LEU A 156 10.52 -10.91 -2.20
N SER A 157 11.06 -9.73 -2.48
CA SER A 157 11.09 -8.65 -1.50
C SER A 157 9.85 -7.77 -1.69
N CYS A 158 9.56 -6.93 -0.71
CA CYS A 158 8.33 -6.14 -0.73
C CYS A 158 8.57 -4.65 -0.95
N LYS A 159 7.81 -4.07 -1.88
CA LYS A 159 7.87 -2.64 -2.16
C LYS A 159 6.56 -1.98 -1.74
N ILE A 160 6.65 -0.94 -0.93
CA ILE A 160 5.49 -0.21 -0.49
C ILE A 160 4.96 0.67 -1.61
N ALA A 161 3.69 0.52 -1.94
CA ALA A 161 3.07 1.34 -2.96
C ALA A 161 1.85 2.04 -2.40
N ASP A 162 1.41 3.09 -3.10
CA ASP A 162 0.10 3.66 -2.85
C ASP A 162 -0.63 3.81 -4.18
N PHE A 163 -1.56 2.90 -4.44
CA PHE A 163 -2.24 2.84 -5.71
C PHE A 163 -3.43 3.78 -5.77
N GLY A 164 -3.70 4.48 -4.67
CA GLY A 164 -4.90 5.30 -4.60
C GLY A 164 -6.13 4.42 -4.75
N LEU A 165 -6.19 3.34 -3.99
CA LEU A 165 -7.24 2.35 -4.15
C LEU A 165 -8.63 2.94 -3.93
N ALA A 166 -8.75 3.89 -3.02
CA ALA A 166 -10.06 4.40 -2.62
C ALA A 166 -10.70 5.25 -3.71
N ARG A 167 -9.96 6.22 -4.21
CA ARG A 167 -10.45 7.14 -5.22
C ARG A 167 -10.56 6.45 -6.56
N LEU A 168 -10.31 5.14 -6.54
CA LEU A 168 -10.30 4.34 -7.76
C LEU A 168 -11.66 3.68 -7.97
N ILE A 169 -12.45 3.61 -6.90
CA ILE A 169 -13.81 3.09 -6.98
C ILE A 169 -14.81 4.19 -7.35
N GLU A 170 -15.67 3.91 -8.32
CA GLU A 170 -16.67 4.87 -8.77
C GLU A 170 -17.90 4.87 -7.88
N ASP A 171 -18.34 6.06 -7.48
CA ASP A 171 -19.49 6.22 -6.61
C ASP A 171 -20.78 5.80 -7.34
N ASN A 172 -21.70 5.16 -6.64
CA ASN A 172 -22.93 4.67 -7.25
C ASN A 172 -24.16 5.38 -6.72
N GLU A 173 -25.32 5.03 -7.28
CA GLU A 173 -26.58 5.71 -6.95
C GLU A 173 -26.91 5.54 -5.47
N TYR A 174 -26.35 4.51 -4.86
CA TYR A 174 -26.78 4.09 -3.53
C TYR A 174 -25.92 4.66 -2.41
N THR A 175 -24.78 5.22 -2.77
CA THR A 175 -23.87 5.81 -1.79
C THR A 175 -23.72 7.31 -2.01
N ALA A 176 -23.66 8.05 -0.91
CA ALA A 176 -23.52 9.50 -0.98
C ALA A 176 -22.68 10.05 0.18
N ARG A 177 -21.73 9.27 0.65
CA ARG A 177 -20.87 9.68 1.75
C ARG A 177 -19.98 10.85 1.34
N GLU A 178 -19.98 11.89 2.16
CA GLU A 178 -19.06 13.01 1.97
C GLU A 178 -18.05 13.03 3.11
N GLY A 179 -18.01 11.93 3.87
CA GLY A 179 -17.02 11.79 4.91
C GLY A 179 -15.64 11.53 4.33
N ALA A 180 -14.87 10.65 4.96
CA ALA A 180 -13.59 10.23 4.40
C ALA A 180 -13.74 8.86 3.74
N LYS A 181 -12.75 8.46 2.96
CA LYS A 181 -12.75 7.13 2.39
C LYS A 181 -11.58 6.33 2.96
N PHE A 182 -11.88 5.15 3.50
CA PHE A 182 -10.84 4.33 4.12
C PHE A 182 -11.31 2.87 4.27
N PRO A 183 -10.35 1.93 4.21
CA PRO A 183 -10.61 0.50 4.42
C PRO A 183 -11.01 0.26 5.87
N ILE A 184 -12.27 -0.09 6.08
CA ILE A 184 -12.81 -0.15 7.43
C ILE A 184 -11.96 -1.06 8.31
N LYS A 185 -11.61 -2.22 7.77
CA LYS A 185 -10.98 -3.26 8.57
C LYS A 185 -9.50 -3.03 8.83
N TRP A 186 -8.93 -1.97 8.24
CA TRP A 186 -7.52 -1.65 8.44
C TRP A 186 -7.33 -0.34 9.19
N THR A 187 -8.41 0.40 9.38
CA THR A 187 -8.29 1.76 9.90
C THR A 187 -8.44 1.81 11.42
N ALA A 188 -7.47 2.45 12.07
CA ALA A 188 -7.52 2.66 13.51
C ALA A 188 -8.79 3.42 13.88
N PRO A 189 -9.33 3.14 15.08
CA PRO A 189 -10.61 3.72 15.52
C PRO A 189 -10.61 5.25 15.62
N GLU A 190 -9.46 5.83 15.98
CA GLU A 190 -9.38 7.28 16.08
C GLU A 190 -9.52 7.91 14.70
N ALA A 191 -9.12 7.16 13.68
CA ALA A 191 -9.29 7.61 12.30
C ALA A 191 -10.75 7.46 11.89
N ILE A 192 -11.35 6.35 12.30
CA ILE A 192 -12.77 6.09 12.02
C ILE A 192 -13.67 7.10 12.69
N ASN A 193 -13.38 7.41 13.95
CA ASN A 193 -14.23 8.30 14.75
C ASN A 193 -13.99 9.77 14.44
N TYR A 194 -12.72 10.16 14.47
CA TYR A 194 -12.38 11.58 14.45
C TYR A 194 -11.65 11.98 13.17
N GLY A 195 -11.49 11.03 12.25
CA GLY A 195 -10.83 11.32 11.00
C GLY A 195 -9.36 11.69 11.17
N THR A 196 -8.78 11.32 12.30
CA THR A 196 -7.40 11.68 12.57
C THR A 196 -6.43 10.58 12.14
N PHE A 197 -5.80 10.80 10.99
CA PHE A 197 -4.85 9.84 10.45
C PHE A 197 -3.42 10.29 10.72
N THR A 198 -2.64 9.40 11.33
CA THR A 198 -1.25 9.70 11.64
C THR A 198 -0.39 8.49 11.30
N ILE A 199 0.88 8.55 11.64
CA ILE A 199 1.79 7.44 11.40
C ILE A 199 1.42 6.31 12.36
N LYS A 200 0.91 6.69 13.52
CA LYS A 200 0.49 5.72 14.52
C LYS A 200 -0.77 5.02 14.05
N SER A 201 -1.50 5.73 13.20
CA SER A 201 -2.68 5.18 12.55
C SER A 201 -2.27 4.10 11.54
N ASP A 202 -1.08 4.28 10.95
CA ASP A 202 -0.54 3.32 9.99
C ASP A 202 0.00 2.09 10.70
N VAL A 203 0.49 2.31 11.92
CA VAL A 203 1.00 1.21 12.73
C VAL A 203 -0.14 0.25 13.00
N TRP A 204 -1.32 0.79 13.27
CA TRP A 204 -2.51 -0.04 13.44
C TRP A 204 -2.73 -0.88 12.18
N SER A 205 -2.77 -0.20 11.03
CA SER A 205 -2.93 -0.87 9.75
C SER A 205 -1.89 -1.97 9.56
N PHE A 206 -0.67 -1.69 10.00
CA PHE A 206 0.40 -2.66 9.87
C PHE A 206 0.10 -3.95 10.64
N GLY A 207 -0.53 -3.81 11.80
CA GLY A 207 -0.90 -4.97 12.58
C GLY A 207 -1.92 -5.81 11.84
N ILE A 208 -2.89 -5.14 11.20
CA ILE A 208 -3.89 -5.85 10.43
C ILE A 208 -3.24 -6.46 9.19
N LEU A 209 -2.33 -5.71 8.60
CA LEU A 209 -1.55 -6.20 7.46
C LEU A 209 -0.83 -7.49 7.85
N LEU A 210 -0.28 -7.52 9.07
CA LEU A 210 0.40 -8.71 9.59
C LEU A 210 -0.49 -9.95 9.56
N THR A 211 -1.77 -9.78 9.88
CA THR A 211 -2.67 -10.93 9.89
C THR A 211 -2.90 -11.41 8.46
N GLU A 212 -2.92 -10.48 7.51
CA GLU A 212 -3.03 -10.85 6.10
C GLU A 212 -1.82 -11.69 5.67
N ILE A 213 -0.63 -11.23 6.05
CA ILE A 213 0.61 -11.91 5.68
C ILE A 213 0.63 -13.34 6.19
N VAL A 214 0.11 -13.51 7.40
CA VAL A 214 0.25 -14.77 8.09
C VAL A 214 -0.95 -15.69 7.79
N THR A 215 -1.89 -15.19 7.00
CA THR A 215 -3.06 -15.99 6.64
C THR A 215 -3.33 -16.08 5.14
N HIS A 216 -2.28 -16.14 4.32
CA HIS A 216 -2.43 -16.30 2.88
C HIS A 216 -3.25 -15.18 2.26
N GLY A 217 -3.22 -14.00 2.87
CA GLY A 217 -3.92 -12.86 2.29
C GLY A 217 -5.40 -12.86 2.60
N ARG A 218 -5.79 -13.59 3.65
CA ARG A 218 -7.18 -13.67 4.05
C ARG A 218 -7.67 -12.31 4.54
N ILE A 219 -8.94 -12.00 4.27
CA ILE A 219 -9.53 -10.75 4.72
C ILE A 219 -9.58 -10.69 6.24
N PRO A 220 -9.22 -9.53 6.80
CA PRO A 220 -9.20 -9.37 8.26
C PRO A 220 -10.58 -9.56 8.87
N TYR A 221 -10.63 -9.76 10.18
CA TYR A 221 -11.89 -9.91 10.89
C TYR A 221 -12.80 -10.89 10.15
N PRO A 222 -12.38 -12.15 10.05
CA PRO A 222 -13.20 -13.16 9.38
C PRO A 222 -14.52 -13.34 10.11
N GLY A 223 -15.62 -13.28 9.35
CA GLY A 223 -16.93 -13.48 9.94
C GLY A 223 -17.58 -12.22 10.47
N MET A 224 -17.03 -11.07 10.08
CA MET A 224 -17.60 -9.79 10.50
C MET A 224 -17.79 -8.86 9.31
N THR A 225 -18.93 -8.17 9.28
CA THR A 225 -19.17 -7.15 8.26
C THR A 225 -18.49 -5.87 8.74
N ASN A 226 -18.15 -4.99 7.80
CA ASN A 226 -17.51 -3.72 8.15
C ASN A 226 -18.28 -2.98 9.25
N PRO A 227 -19.62 -2.99 9.18
CA PRO A 227 -20.43 -2.40 10.25
C PRO A 227 -20.22 -3.13 11.58
N GLU A 228 -20.23 -4.46 11.55
CA GLU A 228 -20.01 -5.26 12.74
C GLU A 228 -18.65 -4.93 13.34
N VAL A 229 -17.64 -4.88 12.49
CA VAL A 229 -16.28 -4.56 12.90
C VAL A 229 -16.24 -3.26 13.69
N ILE A 230 -16.87 -2.21 13.17
CA ILE A 230 -16.85 -0.92 13.83
C ILE A 230 -17.56 -0.99 15.18
N GLN A 231 -18.68 -1.72 15.22
CA GLN A 231 -19.45 -1.89 16.46
C GLN A 231 -18.59 -2.52 17.54
N ASN A 232 -17.87 -3.58 17.17
CA ASN A 232 -17.05 -4.33 18.11
C ASN A 232 -15.83 -3.54 18.53
N LEU A 233 -15.31 -2.71 17.64
CA LEU A 233 -14.19 -1.85 17.98
C LEU A 233 -14.58 -0.93 19.12
N GLU A 234 -15.83 -0.46 19.09
CA GLU A 234 -16.36 0.37 20.17
C GLU A 234 -16.32 -0.37 21.49
N ARG A 235 -16.37 -1.69 21.43
CA ARG A 235 -16.38 -2.52 22.63
C ARG A 235 -14.99 -2.96 23.05
N GLY A 236 -13.97 -2.51 22.33
CA GLY A 236 -12.60 -2.87 22.66
C GLY A 236 -12.16 -4.19 22.03
N TYR A 237 -13.00 -4.73 21.15
CA TYR A 237 -12.72 -6.02 20.54
C TYR A 237 -11.49 -5.99 19.63
N ARG A 238 -10.73 -7.08 19.68
CA ARG A 238 -9.56 -7.25 18.84
C ARG A 238 -9.64 -8.57 18.10
N MET A 239 -9.03 -8.62 16.93
CA MET A 239 -9.10 -9.81 16.08
C MET A 239 -8.46 -10.99 16.79
N VAL A 240 -8.99 -12.19 16.56
CA VAL A 240 -8.45 -13.38 17.20
C VAL A 240 -7.14 -13.79 16.52
N ARG A 241 -6.20 -14.29 17.32
CA ARG A 241 -4.93 -14.73 16.78
C ARG A 241 -5.16 -15.76 15.68
N PRO A 242 -4.69 -15.46 14.47
CA PRO A 242 -4.85 -16.40 13.36
C PRO A 242 -4.22 -17.75 13.68
N ASP A 243 -4.77 -18.82 13.12
CA ASP A 243 -4.26 -20.15 13.39
C ASP A 243 -2.79 -20.23 13.00
N ASN A 244 -2.02 -20.94 13.82
CA ASN A 244 -0.63 -21.21 13.52
C ASN A 244 0.26 -19.98 13.70
N CYS A 245 -0.33 -18.79 13.61
CA CYS A 245 0.38 -17.56 13.91
C CYS A 245 0.94 -17.59 15.33
N PRO A 246 2.25 -17.43 15.47
CA PRO A 246 2.95 -17.50 16.76
C PRO A 246 2.43 -16.47 17.76
N GLU A 247 2.11 -16.94 18.96
CA GLU A 247 1.53 -16.08 19.99
C GLU A 247 2.34 -14.79 20.17
N GLU A 248 3.65 -14.88 19.95
CA GLU A 248 4.54 -13.74 20.10
C GLU A 248 4.26 -12.69 19.03
N LEU A 249 4.10 -13.17 17.80
CA LEU A 249 3.77 -12.29 16.70
C LEU A 249 2.41 -11.64 16.93
N TYR A 250 1.45 -12.44 17.40
CA TYR A 250 0.13 -11.94 17.72
C TYR A 250 0.23 -10.81 18.75
N GLN A 251 1.06 -11.04 19.75
CA GLN A 251 1.24 -10.09 20.82
C GLN A 251 1.83 -8.79 20.26
N LEU A 252 2.64 -8.95 19.21
CA LEU A 252 3.20 -7.81 18.50
C LEU A 252 2.06 -7.06 17.82
N MET A 253 1.13 -7.83 17.26
CA MET A 253 -0.06 -7.25 16.63
C MET A 253 -0.85 -6.47 17.66
N ARG A 254 -0.99 -7.05 18.85
CA ARG A 254 -1.76 -6.44 19.91
C ARG A 254 -1.13 -5.12 20.33
N LEU A 255 0.18 -4.98 20.15
CA LEU A 255 0.85 -3.69 20.37
C LEU A 255 0.45 -2.67 19.31
N CYS A 256 0.23 -3.15 18.08
CA CYS A 256 -0.18 -2.26 16.99
C CYS A 256 -1.62 -1.81 17.18
N TRP A 257 -2.36 -2.51 18.02
CA TRP A 257 -3.78 -2.22 18.23
C TRP A 257 -4.07 -1.67 19.61
N LYS A 258 -3.08 -1.03 20.23
CA LYS A 258 -3.33 -0.27 21.46
C LYS A 258 -4.36 0.80 21.15
N GLU A 259 -5.26 1.04 22.10
CA GLU A 259 -6.36 1.97 21.88
C GLU A 259 -5.86 3.39 21.64
N ARG A 260 -4.86 3.80 22.43
CA ARG A 260 -4.29 5.14 22.27
C ARG A 260 -3.09 5.09 21.35
N PRO A 261 -3.11 5.90 20.28
CA PRO A 261 -2.14 5.83 19.18
C PRO A 261 -0.69 5.97 19.66
N GLU A 262 -0.50 6.73 20.73
CA GLU A 262 0.85 6.98 21.24
C GLU A 262 1.42 5.76 21.95
N ASP A 263 0.54 4.85 22.37
CA ASP A 263 0.96 3.64 23.05
C ASP A 263 1.43 2.57 22.06
N ARG A 264 1.21 2.82 20.77
CA ARG A 264 1.61 1.88 19.73
C ARG A 264 3.09 2.05 19.38
N PRO A 265 3.73 0.95 19.01
CA PRO A 265 5.17 0.97 18.69
C PRO A 265 5.49 1.94 17.56
N THR A 266 6.78 2.07 17.26
CA THR A 266 7.19 2.76 16.05
C THR A 266 7.60 1.72 15.02
N PHE A 267 7.64 2.11 13.75
CA PHE A 267 8.01 1.18 12.70
C PHE A 267 9.44 0.70 12.84
N ASP A 268 10.27 1.49 13.51
CA ASP A 268 11.64 1.08 13.81
C ASP A 268 11.64 -0.10 14.76
N TYR A 269 10.87 0.03 15.83
CA TYR A 269 10.72 -1.03 16.80
C TYR A 269 10.10 -2.25 16.13
N LEU A 270 9.04 -2.01 15.37
CA LEU A 270 8.42 -3.08 14.60
C LEU A 270 9.45 -3.77 13.71
N ARG A 271 10.18 -3.00 12.92
CA ARG A 271 11.19 -3.56 12.05
C ARG A 271 12.13 -4.43 12.87
N SER A 272 12.61 -3.86 13.98
CA SER A 272 13.60 -4.53 14.80
C SER A 272 13.08 -5.88 15.30
N VAL A 273 11.99 -5.84 16.05
CA VAL A 273 11.39 -7.06 16.59
C VAL A 273 11.20 -8.12 15.50
N LEU A 274 10.76 -7.68 14.34
CA LEU A 274 10.48 -8.60 13.25
C LEU A 274 11.75 -9.27 12.78
N GLU A 275 12.81 -8.49 12.62
CA GLU A 275 14.08 -8.97 12.07
C GLU A 275 14.70 -10.10 12.90
N ASP A 276 14.96 -9.81 14.18
CA ASP A 276 15.45 -10.86 15.05
C ASP A 276 14.28 -11.46 15.80
N PHE A 277 13.40 -12.13 15.04
CA PHE A 277 12.27 -12.82 15.63
C PHE A 277 12.60 -14.30 15.86
N PHE A 278 13.35 -14.88 14.93
CA PHE A 278 13.82 -16.26 15.08
C PHE A 278 15.28 -16.30 15.49
#